data_1OXG
#
_entry.id   1OXG
#
_cell.length_a   56.187
_cell.length_b   76.382
_cell.length_c   105.098
_cell.angle_alpha   90.00
_cell.angle_beta   90.00
_cell.angle_gamma   90.00
#
_symmetry.space_group_name_H-M   'I 2 2 2'
#
loop_
_entity.id
_entity.type
_entity.pdbx_description
1 polymer 'Chymotrypsinogen A'
2 polymer 'Chymotrypsinogen A'
3 non-polymer 'SULFATE ION'
4 water water
#
loop_
_entity_poly.entity_id
_entity_poly.type
_entity_poly.pdbx_seq_one_letter_code
_entity_poly.pdbx_strand_id
1 'polypeptide(L)'
;CGVPAIQPVLSGLSRIVNGEEAVPGSWPWQVSLQDKTGFHFCGGSLINENWVVTAAHCGVTTSDVVVAGEFDQGSSSEKI
QKLKIAKVFKNSKYNSLTINNDITLLKLSTAASFSQTVSAVCLPSASDDFAAGTTCVTTGWGLTRYTNANTPDRLQQASL
PLLSNTNCKKYWGTKIKDAMICAGASGVSSCMGDSGGPLVCKKNGAWTLVGIVSWGSSTCSTSTPGVYARVTALVNWVQQ
TLAAN
;
A
2 'polypeptide(L)' IVNGEEAVPGSWPW B
#
# COMPACT_ATOMS: atom_id res chain seq x y z
N CYS A 1 -13.13 9.55 -7.11
CA CYS A 1 -12.01 8.84 -6.44
C CYS A 1 -12.53 8.16 -5.18
N GLY A 2 -11.87 7.07 -4.77
CA GLY A 2 -12.26 6.37 -3.55
C GLY A 2 -13.63 5.70 -3.44
N VAL A 3 -14.26 5.44 -4.61
CA VAL A 3 -15.54 4.78 -4.62
C VAL A 3 -15.61 3.67 -5.68
N PRO A 4 -15.39 2.41 -5.31
CA PRO A 4 -15.45 1.27 -6.22
C PRO A 4 -16.82 1.13 -6.81
N ALA A 5 -16.90 0.95 -8.12
CA ALA A 5 -18.19 0.67 -8.77
C ALA A 5 -18.63 -0.69 -8.20
N ILE A 6 -17.68 -1.57 -7.93
CA ILE A 6 -18.01 -2.87 -7.35
C ILE A 6 -17.61 -2.74 -5.88
N GLN A 7 -18.62 -2.64 -5.01
CA GLN A 7 -18.41 -2.48 -3.57
C GLN A 7 -17.67 -3.61 -2.91
N PRO A 8 -16.65 -3.27 -2.11
CA PRO A 8 -15.98 -4.32 -1.36
C PRO A 8 -16.90 -4.84 -0.27
N VAL A 9 -16.74 -6.09 0.11
CA VAL A 9 -17.55 -6.60 1.21
C VAL A 9 -16.44 -6.72 2.33
N LEU A 10 -16.51 -5.84 3.33
CA LEU A 10 -15.49 -5.70 4.33
C LEU A 10 -15.28 -6.79 5.24
N SER A 11 -16.30 -7.61 5.48
CA SER A 11 -16.16 -8.79 6.29
C SER A 11 -15.15 -9.68 5.55
N GLY A 12 -15.06 -9.49 4.25
CA GLY A 12 -14.21 -10.33 3.45
C GLY A 12 -15.16 -11.40 2.92
N LEU A 13 -14.62 -12.43 2.32
CA LEU A 13 -15.46 -13.50 1.77
C LEU A 13 -15.10 -14.85 2.36
N ILE A 16 -0.45 -10.06 2.66
CA ILE A 16 -1.17 -9.88 3.90
C ILE A 16 -1.37 -11.20 4.68
N VAL A 17 -1.12 -11.14 5.98
CA VAL A 17 -1.29 -12.30 6.85
C VAL A 17 -2.63 -12.19 7.56
N ASN A 18 -3.38 -13.29 7.58
CA ASN A 18 -4.71 -13.35 8.20
C ASN A 18 -5.71 -12.46 7.53
N GLY A 19 -5.57 -12.34 6.23
CA GLY A 19 -6.54 -11.53 5.53
C GLY A 19 -7.57 -12.39 4.83
N GLU A 20 -8.34 -11.78 3.92
CA GLU A 20 -9.33 -12.51 3.14
C GLU A 20 -9.26 -12.03 1.67
N GLU A 21 -9.84 -12.80 0.77
CA GLU A 21 -9.86 -12.52 -0.65
C GLU A 21 -10.81 -11.39 -0.79
N ALA A 22 -10.47 -10.47 -1.67
CA ALA A 22 -11.35 -9.35 -1.88
C ALA A 22 -12.39 -9.84 -2.89
N VAL A 23 -13.52 -9.17 -2.94
CA VAL A 23 -14.46 -9.42 -4.01
C VAL A 23 -13.65 -8.93 -5.25
N PRO A 24 -13.64 -9.70 -6.31
CA PRO A 24 -12.90 -9.31 -7.52
C PRO A 24 -13.30 -7.90 -8.02
N GLY A 25 -12.34 -7.07 -8.36
CA GLY A 25 -12.61 -5.73 -8.83
C GLY A 25 -13.06 -4.68 -7.82
N SER A 26 -13.11 -5.03 -6.56
CA SER A 26 -13.58 -4.15 -5.50
C SER A 26 -12.57 -3.13 -4.93
N TRP A 27 -11.28 -3.20 -5.31
CA TRP A 27 -10.19 -2.23 -4.85
C TRP A 27 -9.53 -1.83 -6.18
N PRO A 28 -10.24 -0.90 -6.92
CA PRO A 28 -9.84 -0.45 -8.30
C PRO A 28 -8.45 0.08 -8.50
N TRP A 29 -8.05 0.76 -7.45
CA TRP A 29 -6.85 1.55 -7.58
C TRP A 29 -5.65 0.68 -7.28
N GLN A 30 -5.90 -0.46 -6.66
CA GLN A 30 -4.81 -1.33 -6.33
C GLN A 30 -4.13 -1.86 -7.55
N VAL A 31 -2.83 -1.64 -7.69
CA VAL A 31 -2.07 -2.18 -8.82
C VAL A 31 -0.87 -3.00 -8.34
N SER A 32 -0.40 -3.85 -9.25
CA SER A 32 0.73 -4.73 -9.05
C SER A 32 1.91 -4.20 -9.84
N LEU A 33 3.03 -3.97 -9.17
CA LEU A 33 4.22 -3.52 -9.89
C LEU A 33 5.01 -4.82 -10.18
N GLN A 34 5.33 -5.10 -11.45
CA GLN A 34 6.05 -6.32 -11.84
C GLN A 34 7.24 -5.97 -12.68
N ASP A 35 8.29 -6.79 -12.64
CA ASP A 35 9.43 -6.54 -13.50
C ASP A 35 9.01 -7.09 -14.86
N LYS A 36 9.88 -6.91 -15.86
CA LYS A 36 9.59 -7.41 -17.20
C LYS A 36 9.32 -8.91 -17.23
N THR A 37 10.04 -9.66 -16.44
CA THR A 37 9.83 -11.09 -16.46
C THR A 37 8.46 -11.42 -15.91
N GLY A 38 7.78 -10.40 -15.37
CA GLY A 38 6.44 -10.62 -14.86
C GLY A 38 6.36 -10.91 -13.39
N PHE A 39 7.45 -10.70 -12.67
CA PHE A 39 7.49 -10.94 -11.23
C PHE A 39 6.90 -9.76 -10.44
N HIS A 40 5.82 -10.02 -9.71
CA HIS A 40 5.19 -8.99 -8.90
C HIS A 40 6.13 -8.79 -7.72
N PHE A 41 6.57 -7.54 -7.50
CA PHE A 41 7.47 -7.22 -6.38
C PHE A 41 6.99 -6.18 -5.36
N CYS A 42 5.98 -5.38 -5.69
CA CYS A 42 5.42 -4.37 -4.83
C CYS A 42 4.03 -4.07 -5.41
N GLY A 43 3.26 -3.28 -4.65
CA GLY A 43 1.94 -2.84 -5.04
C GLY A 43 1.99 -1.32 -5.13
N GLY A 44 0.89 -0.72 -5.57
CA GLY A 44 0.78 0.70 -5.72
C GLY A 44 -0.69 1.04 -5.87
N SER A 45 -0.99 2.34 -5.90
CA SER A 45 -2.35 2.84 -6.03
C SER A 45 -2.44 3.90 -7.14
N LEU A 46 -3.39 3.72 -8.02
CA LEU A 46 -3.68 4.69 -9.06
C LEU A 46 -4.28 5.94 -8.35
N ILE A 47 -3.80 7.11 -8.63
CA ILE A 47 -4.40 8.33 -8.04
C ILE A 47 -5.21 9.18 -9.07
N ASN A 48 -5.00 8.87 -10.34
CA ASN A 48 -5.70 9.40 -11.52
C ASN A 48 -5.28 8.50 -12.64
N GLU A 49 -5.77 8.75 -13.85
CA GLU A 49 -5.46 7.87 -14.96
C GLU A 49 -4.04 7.80 -15.44
N ASN A 50 -3.21 8.74 -15.01
CA ASN A 50 -1.84 8.82 -15.49
C ASN A 50 -0.76 8.59 -14.44
N TRP A 51 -1.18 8.48 -13.19
CA TRP A 51 -0.23 8.36 -12.10
C TRP A 51 -0.50 7.26 -11.06
N VAL A 52 0.59 6.69 -10.56
CA VAL A 52 0.52 5.68 -9.54
C VAL A 52 1.37 6.08 -8.39
N VAL A 53 0.86 5.89 -7.21
CA VAL A 53 1.68 6.22 -6.07
C VAL A 53 2.10 4.91 -5.37
N THR A 54 3.39 4.84 -5.05
CA THR A 54 3.95 3.65 -4.40
C THR A 54 5.04 4.03 -3.42
N ALA A 55 5.67 3.04 -2.79
CA ALA A 55 6.77 3.32 -1.86
C ALA A 55 8.14 3.49 -2.52
N ALA A 56 8.91 4.44 -1.99
CA ALA A 56 10.23 4.70 -2.53
C ALA A 56 11.16 3.53 -2.42
N HIS A 57 11.11 2.77 -1.31
CA HIS A 57 12.03 1.64 -1.12
C HIS A 57 11.82 0.53 -2.14
N CYS A 58 10.70 0.53 -2.84
CA CYS A 58 10.47 -0.50 -3.83
C CYS A 58 11.44 -0.47 -5.04
N GLY A 59 12.12 0.61 -5.26
CA GLY A 59 13.10 0.73 -6.33
C GLY A 59 12.55 0.63 -7.74
N VAL A 60 11.33 1.09 -7.96
CA VAL A 60 10.74 1.00 -9.29
C VAL A 60 11.51 1.81 -10.34
N THR A 61 11.58 1.30 -11.56
CA THR A 61 12.26 1.99 -12.66
C THR A 61 11.35 1.89 -13.83
N THR A 62 11.72 2.60 -14.88
CA THR A 62 10.98 2.53 -16.13
C THR A 62 11.10 1.15 -16.80
N SER A 63 11.81 0.19 -16.21
CA SER A 63 11.87 -1.14 -16.85
C SER A 63 10.73 -2.01 -16.27
N ASP A 64 10.10 -1.47 -15.24
CA ASP A 64 9.00 -2.17 -14.60
C ASP A 64 7.70 -1.74 -15.24
N VAL A 65 6.65 -2.52 -14.99
CA VAL A 65 5.35 -2.26 -15.56
C VAL A 65 4.30 -2.30 -14.43
N VAL A 66 3.23 -1.51 -14.69
CA VAL A 66 2.11 -1.42 -13.76
C VAL A 66 0.99 -2.27 -14.36
N VAL A 67 0.48 -3.16 -13.53
CA VAL A 67 -0.59 -4.00 -13.96
C VAL A 67 -1.82 -3.56 -13.16
N ALA A 68 -2.84 -3.08 -13.84
CA ALA A 68 -4.08 -2.58 -13.24
C ALA A 68 -5.21 -3.54 -13.56
N GLY A 69 -6.30 -3.57 -12.79
CA GLY A 69 -7.37 -4.51 -13.14
C GLY A 69 -7.67 -5.65 -12.20
N GLU A 70 -8.24 -6.73 -12.76
CA GLU A 70 -8.58 -7.93 -11.99
C GLU A 70 -7.47 -8.97 -12.03
N PHE A 71 -6.38 -8.40 -11.61
CA PHE A 71 -5.21 -9.20 -11.62
C PHE A 71 -5.23 -10.20 -10.47
N ASP A 72 -5.09 -11.46 -10.85
CA ASP A 72 -4.99 -12.51 -9.87
C ASP A 72 -5.98 -12.23 -8.68
N GLN A 73 -7.28 -12.23 -8.94
CA GLN A 73 -8.20 -11.95 -7.83
C GLN A 73 -9.60 -12.55 -7.72
N GLY A 74 -9.88 -13.71 -8.27
CA GLY A 74 -11.25 -14.18 -8.02
C GLY A 74 -11.94 -14.75 -9.22
N SER A 75 -11.44 -14.28 -10.35
CA SER A 75 -11.80 -14.71 -11.67
C SER A 75 -10.38 -14.79 -12.26
N SER A 76 -9.41 -14.31 -11.47
CA SER A 76 -7.98 -14.25 -11.82
C SER A 76 -7.76 -13.72 -13.24
N SER A 77 -6.58 -13.98 -13.82
CA SER A 77 -6.31 -13.55 -15.19
C SER A 77 -7.63 -13.06 -15.75
N GLU A 78 -7.94 -11.81 -15.45
CA GLU A 78 -9.17 -11.22 -15.94
C GLU A 78 -8.87 -9.87 -16.58
N LYS A 79 -9.87 -8.99 -16.58
CA LYS A 79 -9.67 -7.69 -17.16
C LYS A 79 -8.41 -7.07 -16.54
N ILE A 80 -7.34 -6.89 -17.34
CA ILE A 80 -6.12 -6.24 -16.84
C ILE A 80 -5.43 -5.39 -17.92
N GLN A 81 -4.63 -4.42 -17.47
CA GLN A 81 -3.92 -3.54 -18.39
C GLN A 81 -2.53 -3.52 -17.89
N LYS A 82 -1.60 -3.80 -18.78
CA LYS A 82 -0.20 -3.73 -18.42
C LYS A 82 0.18 -2.39 -18.96
N LEU A 83 0.58 -1.49 -18.06
CA LEU A 83 0.96 -0.14 -18.44
C LEU A 83 2.44 0.14 -18.17
N LYS A 84 3.14 0.47 -19.19
CA LYS A 84 4.51 0.80 -18.95
C LYS A 84 4.70 2.16 -18.22
N ILE A 85 5.88 2.35 -17.63
CA ILE A 85 6.16 3.57 -16.88
C ILE A 85 7.05 4.52 -17.61
N ALA A 86 6.66 5.78 -17.68
CA ALA A 86 7.46 6.75 -18.41
C ALA A 86 8.51 7.48 -17.61
N LYS A 87 8.21 7.75 -16.36
CA LYS A 87 9.10 8.49 -15.48
C LYS A 87 8.78 8.10 -14.04
N VAL A 88 9.82 8.11 -13.22
CA VAL A 88 9.73 7.78 -11.82
C VAL A 88 10.15 9.04 -11.05
N PHE A 89 9.37 9.41 -10.04
CA PHE A 89 9.65 10.58 -9.21
C PHE A 89 9.76 10.11 -7.76
N LYS A 90 10.99 9.95 -7.29
CA LYS A 90 11.24 9.51 -5.91
C LYS A 90 11.25 10.74 -5.05
N ASN A 91 10.69 10.71 -3.84
CA ASN A 91 10.66 11.90 -3.00
C ASN A 91 12.09 12.11 -2.51
N SER A 92 12.73 13.23 -2.78
CA SER A 92 14.12 13.47 -2.35
C SER A 92 14.37 13.40 -0.84
N LYS A 93 13.30 13.40 -0.06
CA LYS A 93 13.45 13.32 1.36
C LYS A 93 13.51 11.86 1.79
N TYR A 94 13.39 10.91 0.85
CA TYR A 94 13.46 9.48 1.21
C TYR A 94 14.75 9.18 1.95
N ASN A 95 14.62 8.43 3.05
CA ASN A 95 15.76 8.04 3.87
C ASN A 95 15.92 6.55 3.74
N SER A 96 16.90 6.13 2.96
CA SER A 96 17.10 4.70 2.75
C SER A 96 17.44 3.86 3.95
N LEU A 97 17.66 4.49 5.07
CA LEU A 97 18.07 3.75 6.25
C LEU A 97 16.95 3.54 7.22
N THR A 98 16.16 4.59 7.48
CA THR A 98 15.02 4.57 8.42
C THR A 98 13.71 4.31 7.69
N ILE A 99 13.76 4.35 6.36
CA ILE A 99 12.64 4.20 5.47
C ILE A 99 11.65 5.38 5.62
N ASN A 100 12.07 6.50 6.19
CA ASN A 100 11.15 7.64 6.31
C ASN A 100 10.89 8.33 4.96
N ASN A 101 9.66 8.86 4.79
CA ASN A 101 9.27 9.54 3.57
C ASN A 101 9.30 8.54 2.40
N ASP A 102 8.71 7.35 2.65
CA ASP A 102 8.69 6.23 1.72
C ASP A 102 7.57 6.41 0.65
N ILE A 103 7.85 7.21 -0.38
CA ILE A 103 6.87 7.45 -1.41
C ILE A 103 7.56 7.81 -2.70
N THR A 104 7.00 7.33 -3.77
CA THR A 104 7.43 7.56 -5.11
C THR A 104 6.17 7.60 -5.97
N LEU A 105 6.24 8.46 -6.97
CA LEU A 105 5.17 8.66 -7.92
C LEU A 105 5.62 8.07 -9.26
N LEU A 106 4.69 7.42 -9.96
CA LEU A 106 5.00 6.81 -11.23
C LEU A 106 4.08 7.46 -12.29
N LYS A 107 4.68 8.04 -13.32
CA LYS A 107 3.86 8.64 -14.37
C LYS A 107 3.85 7.61 -15.47
N LEU A 108 2.66 7.15 -15.86
CA LEU A 108 2.56 6.16 -16.91
C LEU A 108 2.79 6.79 -18.29
N SER A 109 3.22 5.98 -19.25
CA SER A 109 3.47 6.46 -20.60
C SER A 109 2.16 6.46 -21.35
N THR A 110 1.28 5.58 -20.91
CA THR A 110 -0.02 5.32 -21.49
C THR A 110 -1.06 5.42 -20.41
N ALA A 111 -2.08 6.24 -20.55
CA ALA A 111 -3.10 6.35 -19.50
C ALA A 111 -3.82 5.02 -19.22
N ALA A 112 -4.23 4.78 -17.98
CA ALA A 112 -4.99 3.56 -17.72
C ALA A 112 -6.42 3.80 -18.20
N SER A 113 -7.12 2.77 -18.69
CA SER A 113 -8.51 2.96 -19.11
C SER A 113 -9.34 2.62 -17.87
N PHE A 114 -10.08 3.63 -17.40
CA PHE A 114 -10.94 3.48 -16.24
C PHE A 114 -12.25 2.77 -16.64
N SER A 115 -12.75 2.01 -15.68
CA SER A 115 -13.95 1.22 -15.89
C SER A 115 -14.42 0.79 -14.53
N GLN A 116 -15.38 -0.11 -14.52
CA GLN A 116 -15.88 -0.68 -13.30
C GLN A 116 -14.76 -1.23 -12.42
N THR A 117 -13.72 -1.76 -13.06
CA THR A 117 -12.65 -2.40 -12.33
C THR A 117 -11.35 -1.67 -12.21
N VAL A 118 -11.29 -0.47 -12.77
CA VAL A 118 -10.11 0.38 -12.69
C VAL A 118 -10.50 1.84 -12.45
N SER A 119 -10.09 2.34 -11.28
CA SER A 119 -10.33 3.72 -10.93
C SER A 119 -9.34 4.23 -9.89
N ALA A 120 -9.48 5.48 -9.46
CA ALA A 120 -8.53 6.08 -8.52
C ALA A 120 -8.89 6.12 -7.06
N VAL A 121 -7.83 6.14 -6.20
CA VAL A 121 -8.08 6.25 -4.77
C VAL A 121 -8.06 7.74 -4.49
N CYS A 122 -8.68 8.20 -3.40
CA CYS A 122 -8.66 9.62 -3.10
C CYS A 122 -7.44 9.93 -2.27
N LEU A 123 -6.91 11.12 -2.49
CA LEU A 123 -5.76 11.58 -1.73
C LEU A 123 -6.31 12.47 -0.63
N PRO A 124 -5.67 12.48 0.54
CA PRO A 124 -6.16 13.32 1.62
C PRO A 124 -5.53 14.68 1.48
N SER A 125 -6.03 15.62 2.26
CA SER A 125 -5.45 16.92 2.30
C SER A 125 -4.44 16.79 3.45
N ALA A 126 -3.43 17.64 3.46
CA ALA A 126 -2.37 17.60 4.48
C ALA A 126 -2.88 17.86 5.89
N SER A 127 -3.96 18.62 5.97
CA SER A 127 -4.56 18.97 7.26
C SER A 127 -5.54 17.97 7.75
N ASP A 128 -5.87 16.96 6.92
CA ASP A 128 -6.82 15.95 7.33
C ASP A 128 -6.37 15.19 8.60
N ASP A 129 -7.35 14.85 9.40
CA ASP A 129 -7.12 14.16 10.65
C ASP A 129 -7.72 12.73 10.59
N PHE A 130 -6.86 11.72 10.58
CA PHE A 130 -7.29 10.31 10.57
C PHE A 130 -6.88 9.84 11.94
N ALA A 131 -7.87 9.60 12.79
CA ALA A 131 -7.66 9.30 14.19
C ALA A 131 -7.36 7.89 14.54
N ALA A 132 -6.59 7.77 15.61
CA ALA A 132 -6.21 6.50 16.18
C ALA A 132 -7.50 5.77 16.50
N GLY A 133 -7.53 4.47 16.18
CA GLY A 133 -8.73 3.70 16.47
C GLY A 133 -9.61 3.48 15.24
N THR A 134 -9.44 4.34 14.23
CA THR A 134 -10.21 4.21 13.01
C THR A 134 -9.93 2.91 12.30
N THR A 135 -11.02 2.28 11.86
CA THR A 135 -10.93 1.03 11.13
C THR A 135 -10.68 1.40 9.66
N CYS A 136 -9.55 0.96 9.14
CA CYS A 136 -9.13 1.21 7.77
C CYS A 136 -8.85 -0.15 7.14
N VAL A 137 -8.65 -0.17 5.83
CA VAL A 137 -8.37 -1.39 5.11
C VAL A 137 -7.06 -1.31 4.32
N THR A 138 -6.34 -2.44 4.30
CA THR A 138 -5.11 -2.55 3.54
C THR A 138 -5.21 -3.74 2.59
N THR A 139 -4.69 -3.60 1.37
CA THR A 139 -4.81 -4.64 0.36
C THR A 139 -3.49 -4.96 -0.32
N GLY A 140 -3.44 -6.11 -0.97
CA GLY A 140 -2.22 -6.50 -1.67
C GLY A 140 -2.07 -7.96 -1.95
N TRP A 141 -1.08 -8.30 -2.74
CA TRP A 141 -0.85 -9.68 -3.07
C TRP A 141 0.29 -10.25 -2.34
N GLY A 142 0.88 -9.43 -1.46
CA GLY A 142 2.03 -9.80 -0.68
C GLY A 142 2.01 -11.13 0.02
N LEU A 143 3.15 -11.47 0.64
CA LEU A 143 3.27 -12.74 1.33
C LEU A 143 2.14 -13.01 2.33
N THR A 144 1.69 -14.26 2.38
CA THR A 144 0.64 -14.64 3.30
C THR A 144 1.23 -15.32 4.51
N ARG A 145 2.54 -15.42 4.54
CA ARG A 145 3.29 -15.98 5.69
C ARG A 145 4.74 -15.58 5.43
N TYR A 146 5.46 -14.98 6.38
CA TYR A 146 6.87 -14.56 6.14
C TYR A 146 7.71 -15.72 5.61
N ALA A 149 6.34 -20.63 -5.44
CA ALA A 149 6.57 -19.21 -5.62
C ALA A 149 5.49 -18.41 -4.93
N ASN A 150 5.80 -17.19 -4.52
CA ASN A 150 4.74 -16.35 -3.97
C ASN A 150 3.94 -15.88 -5.18
N THR A 151 3.66 -16.72 -6.23
CA THR A 151 2.80 -16.10 -7.24
C THR A 151 1.83 -15.43 -6.33
N PRO A 152 1.45 -14.17 -6.49
CA PRO A 152 0.67 -13.75 -5.36
C PRO A 152 -0.42 -14.70 -5.05
N ASP A 153 -0.55 -15.03 -3.82
CA ASP A 153 -1.82 -15.63 -3.63
C ASP A 153 -2.74 -14.46 -4.10
N ARG A 154 -4.03 -14.82 -4.30
CA ARG A 154 -5.15 -13.98 -4.76
C ARG A 154 -5.23 -12.73 -3.92
N LEU A 155 -5.55 -11.60 -4.55
CA LEU A 155 -5.63 -10.32 -3.83
C LEU A 155 -6.27 -10.46 -2.50
N GLN A 156 -5.64 -9.96 -1.46
CA GLN A 156 -6.22 -10.05 -0.12
C GLN A 156 -6.56 -8.65 0.38
N GLN A 157 -7.39 -8.63 1.41
CA GLN A 157 -7.83 -7.43 2.09
C GLN A 157 -7.87 -7.77 3.59
N ALA A 158 -7.64 -6.74 4.39
CA ALA A 158 -7.66 -6.90 5.82
C ALA A 158 -8.08 -5.59 6.48
N SER A 159 -8.99 -5.70 7.43
CA SER A 159 -9.46 -4.56 8.20
C SER A 159 -8.56 -4.46 9.42
N LEU A 160 -8.11 -3.24 9.76
CA LEU A 160 -7.23 -3.02 10.87
C LEU A 160 -7.32 -1.57 11.32
N PRO A 161 -7.02 -1.36 12.58
CA PRO A 161 -7.10 -0.05 13.14
C PRO A 161 -5.81 0.74 13.09
N LEU A 162 -5.97 2.06 13.03
CA LEU A 162 -4.84 2.99 13.03
C LEU A 162 -4.42 3.06 14.47
N LEU A 163 -3.14 3.31 14.68
CA LEU A 163 -2.65 3.49 16.03
C LEU A 163 -2.16 4.92 16.12
N SER A 164 -2.01 5.39 17.34
CA SER A 164 -1.49 6.71 17.59
C SER A 164 0.04 6.49 17.48
N ASN A 165 0.83 7.53 17.18
CA ASN A 165 2.28 7.34 17.12
C ASN A 165 2.87 7.00 18.48
N THR A 166 2.28 7.50 19.57
CA THR A 166 2.83 7.11 20.86
C THR A 166 2.54 5.67 21.15
N ASN A 167 1.38 5.15 20.75
CA ASN A 167 1.09 3.75 21.00
C ASN A 167 1.92 2.92 20.07
N CYS A 168 2.19 3.42 18.87
CA CYS A 168 3.06 2.67 17.97
C CYS A 168 4.52 2.58 18.50
N LYS A 169 4.99 3.63 19.19
CA LYS A 169 6.33 3.67 19.72
C LYS A 169 6.54 2.68 20.86
N LYS A 170 5.47 2.22 21.51
CA LYS A 170 5.59 1.22 22.59
C LYS A 170 6.15 -0.06 21.99
N TYR A 171 5.91 -0.28 20.70
CA TYR A 171 6.44 -1.47 20.06
C TYR A 171 7.72 -1.18 19.30
N TRP A 172 7.76 -0.04 18.63
CA TRP A 172 8.84 0.27 17.72
C TRP A 172 9.80 1.36 18.12
N GLY A 173 9.50 2.05 19.22
CA GLY A 173 10.43 3.06 19.67
C GLY A 173 10.79 4.14 18.68
N THR A 174 12.10 4.46 18.61
CA THR A 174 12.63 5.54 17.81
C THR A 174 12.60 5.37 16.30
N LYS A 175 12.31 4.17 15.82
CA LYS A 175 12.24 3.96 14.39
C LYS A 175 11.04 4.69 13.81
N ILE A 176 10.07 5.01 14.66
CA ILE A 176 8.86 5.71 14.23
C ILE A 176 9.05 7.23 14.07
N LYS A 177 8.95 7.70 12.81
CA LYS A 177 9.06 9.13 12.50
C LYS A 177 7.70 9.77 12.22
N ASP A 178 7.67 11.10 12.18
CA ASP A 178 6.43 11.83 11.94
C ASP A 178 5.69 11.49 10.68
N ALA A 179 6.47 11.20 9.63
CA ALA A 179 5.97 10.84 8.32
C ALA A 179 5.51 9.33 8.23
N MET A 180 5.48 8.65 9.33
CA MET A 180 5.00 7.27 9.34
C MET A 180 3.70 7.16 10.15
N ILE A 181 2.86 6.21 9.77
CA ILE A 181 1.66 5.96 10.53
C ILE A 181 1.57 4.44 10.62
N CYS A 182 1.23 3.97 11.81
CA CYS A 182 1.13 2.53 12.00
C CYS A 182 -0.31 2.06 12.07
N ALA A 183 -0.52 0.78 11.78
CA ALA A 183 -1.86 0.25 11.82
C ALA A 183 -1.72 -1.24 12.02
N GLY A 184 -2.72 -1.84 12.66
CA GLY A 184 -2.68 -3.28 12.86
C GLY A 184 -2.43 -3.78 14.26
N ALA A 185 -1.64 -4.85 14.37
CA ALA A 185 -1.35 -5.49 15.63
C ALA A 185 -2.60 -6.03 16.21
N SER A 186 -3.57 -6.29 15.35
CA SER A 186 -4.91 -6.68 15.76
C SER A 186 -5.40 -8.04 15.29
N GLY A 187 -4.48 -8.91 14.89
CA GLY A 187 -4.87 -10.19 14.35
C GLY A 187 -4.53 -10.26 12.85
N VAL A 188 -4.16 -9.13 12.25
CA VAL A 188 -3.80 -9.16 10.82
C VAL A 188 -2.52 -8.35 10.60
N SER A 189 -1.92 -8.45 9.41
CA SER A 189 -0.68 -7.72 9.08
C SER A 189 -0.37 -7.58 7.57
N SER A 190 0.31 -6.49 7.21
CA SER A 190 0.74 -6.36 5.83
C SER A 190 2.02 -7.20 5.86
N CYS A 191 2.59 -7.46 4.69
CA CYS A 191 3.79 -8.27 4.64
C CYS A 191 4.64 -8.03 3.41
N MET A 192 5.78 -8.70 3.31
CA MET A 192 6.65 -8.50 2.14
C MET A 192 5.83 -8.70 0.88
N GLY A 193 6.01 -7.85 -0.12
CA GLY A 193 5.26 -7.98 -1.35
C GLY A 193 4.04 -7.06 -1.34
N ASP A 194 3.71 -6.55 -0.20
CA ASP A 194 2.58 -5.63 -0.07
C ASP A 194 3.03 -4.17 -0.05
N SER A 195 4.37 -3.89 0.01
CA SER A 195 4.96 -2.54 0.10
C SER A 195 4.62 -1.69 -1.10
N GLY A 196 4.21 -0.45 -0.86
CA GLY A 196 3.85 0.42 -1.97
C GLY A 196 2.33 0.39 -2.14
N GLY A 197 1.68 -0.64 -1.59
CA GLY A 197 0.23 -0.74 -1.62
C GLY A 197 -0.44 0.26 -0.72
N PRO A 198 -1.75 0.30 -0.74
CA PRO A 198 -2.51 1.24 0.08
C PRO A 198 -3.07 0.81 1.40
N LEU A 199 -3.16 1.78 2.29
CA LEU A 199 -3.86 1.64 3.57
C LEU A 199 -4.97 2.68 3.37
N VAL A 200 -6.19 2.25 3.21
CA VAL A 200 -7.24 3.22 3.00
C VAL A 200 -8.23 3.31 4.14
N CYS A 201 -8.72 4.53 4.36
CA CYS A 201 -9.73 4.82 5.38
C CYS A 201 -10.82 5.66 4.73
N LYS A 202 -12.08 5.37 5.07
CA LYS A 202 -13.25 6.07 4.55
C LYS A 202 -13.54 7.39 5.23
N LYS A 203 -13.51 8.42 4.45
CA LYS A 203 -13.85 9.75 4.95
C LYS A 203 -15.07 10.19 4.15
N ASN A 204 -16.22 10.30 4.82
CA ASN A 204 -17.48 10.68 4.18
C ASN A 204 -17.78 9.75 3.03
N GLY A 205 -17.63 8.46 3.22
CA GLY A 205 -17.94 7.58 2.11
C GLY A 205 -16.86 7.41 1.06
N ALA A 206 -15.74 8.12 1.09
CA ALA A 206 -14.73 7.89 0.06
C ALA A 206 -13.48 7.25 0.69
N TRP A 207 -13.02 6.22 0.04
CA TRP A 207 -11.82 5.53 0.52
C TRP A 207 -10.67 6.47 0.18
N THR A 208 -9.86 6.79 1.16
CA THR A 208 -8.80 7.76 1.06
C THR A 208 -7.52 7.13 1.54
N LEU A 209 -6.46 7.38 0.77
CA LEU A 209 -5.13 6.85 1.04
C LEU A 209 -4.50 7.57 2.23
N VAL A 210 -4.52 6.89 3.37
CA VAL A 210 -3.95 7.44 4.59
C VAL A 210 -2.54 6.95 4.72
N GLY A 211 -2.27 5.79 4.16
CA GLY A 211 -0.93 5.25 4.22
C GLY A 211 -0.51 4.43 3.01
N ILE A 212 0.79 4.23 2.89
CA ILE A 212 1.44 3.45 1.86
C ILE A 212 2.23 2.37 2.61
N VAL A 213 1.91 1.11 2.34
CA VAL A 213 2.57 0.03 3.03
C VAL A 213 4.11 0.24 2.93
N SER A 214 4.79 0.28 4.07
CA SER A 214 6.24 0.55 4.10
C SER A 214 7.10 -0.50 4.71
N TRP A 215 6.93 -0.78 6.00
CA TRP A 215 7.75 -1.78 6.67
C TRP A 215 7.13 -2.25 7.96
N GLY A 216 7.75 -3.28 8.51
CA GLY A 216 7.25 -3.81 9.76
C GLY A 216 8.01 -5.02 10.20
N SER A 217 7.33 -5.80 11.04
CA SER A 217 7.84 -7.05 11.59
C SER A 217 8.38 -7.96 10.48
N SER A 218 9.61 -8.44 10.63
CA SER A 218 10.26 -9.30 9.62
C SER A 218 9.47 -10.56 9.39
N THR A 219 8.69 -10.81 10.42
CA THR A 219 7.84 -11.96 10.68
C THR A 219 6.38 -11.74 10.31
N CYS A 220 6.03 -10.52 10.00
CA CYS A 220 4.65 -10.15 9.71
C CYS A 220 3.69 -10.60 10.82
N SER A 221 4.16 -10.47 12.06
CA SER A 221 3.39 -10.84 13.23
C SER A 221 2.09 -10.08 13.26
N THR A 222 1.02 -10.79 13.65
CA THR A 222 -0.29 -10.21 13.65
C THR A 222 -0.62 -9.49 14.93
N SER A 223 0.34 -9.48 15.86
CA SER A 223 0.20 -8.77 17.12
C SER A 223 1.29 -7.66 17.20
N THR A 224 1.88 -7.26 16.08
CA THR A 224 2.89 -6.17 16.11
C THR A 224 2.35 -5.22 15.04
N PRO A 225 2.32 -3.93 15.23
CA PRO A 225 1.68 -3.11 14.19
C PRO A 225 2.56 -2.87 12.99
N GLY A 226 1.94 -2.69 11.83
CA GLY A 226 2.68 -2.43 10.63
C GLY A 226 2.95 -0.96 10.55
N VAL A 227 3.92 -0.61 9.72
CA VAL A 227 4.24 0.79 9.55
C VAL A 227 4.00 1.17 8.08
N TYR A 228 3.32 2.31 7.89
CA TYR A 228 2.93 2.82 6.60
C TYR A 228 3.45 4.26 6.42
N ALA A 229 3.70 4.70 5.19
CA ALA A 229 4.13 6.07 5.02
C ALA A 229 2.84 6.88 5.20
N ARG A 230 2.95 7.92 6.03
CA ARG A 230 1.86 8.83 6.37
C ARG A 230 1.61 9.83 5.23
N VAL A 231 0.59 9.53 4.42
CA VAL A 231 0.35 10.30 3.22
C VAL A 231 0.05 11.77 3.50
N THR A 232 -0.59 12.07 4.60
CA THR A 232 -0.93 13.45 5.01
C THR A 232 0.33 14.31 5.06
N ALA A 233 1.45 13.66 5.37
CA ALA A 233 2.73 14.35 5.53
C ALA A 233 3.50 14.47 4.25
N LEU A 234 3.05 13.71 3.24
CA LEU A 234 3.72 13.65 1.96
C LEU A 234 2.87 14.15 0.83
N VAL A 235 1.59 14.39 1.07
CA VAL A 235 0.72 14.80 -0.03
C VAL A 235 0.97 16.17 -0.72
N ASN A 236 1.56 17.10 0.01
CA ASN A 236 1.87 18.37 -0.58
C ASN A 236 2.91 18.14 -1.64
N TRP A 237 3.90 17.31 -1.32
CA TRP A 237 4.93 16.96 -2.30
C TRP A 237 4.27 16.30 -3.52
N VAL A 238 3.32 15.41 -3.28
CA VAL A 238 2.57 14.74 -4.37
C VAL A 238 1.90 15.80 -5.30
N GLN A 239 1.16 16.73 -4.71
CA GLN A 239 0.48 17.77 -5.48
C GLN A 239 1.44 18.58 -6.34
N GLN A 240 2.59 18.93 -5.75
CA GLN A 240 3.55 19.76 -6.46
C GLN A 240 4.07 19.02 -7.60
N THR A 241 4.32 17.73 -7.41
CA THR A 241 4.86 16.91 -8.46
C THR A 241 3.93 16.76 -9.62
N LEU A 242 2.66 16.64 -9.30
CA LEU A 242 1.65 16.46 -10.35
C LEU A 242 1.47 17.77 -11.10
N ALA A 243 1.42 18.88 -10.37
CA ALA A 243 1.26 20.18 -11.02
C ALA A 243 2.45 20.48 -11.92
N ALA A 244 3.63 20.01 -11.54
CA ALA A 244 4.85 20.26 -12.33
C ALA A 244 5.01 19.40 -13.51
N ASN A 245 4.30 18.29 -13.55
CA ASN A 245 4.46 17.38 -14.68
C ASN A 245 3.18 16.94 -15.35
N ILE B 1 17.30 -11.25 26.49
CA ILE B 1 16.10 -11.90 25.99
C ILE B 1 16.05 -13.36 26.48
N VAL B 2 15.28 -14.18 25.74
CA VAL B 2 15.21 -15.61 26.10
C VAL B 2 13.97 -16.43 25.58
N ASN B 3 14.14 -17.09 24.44
CA ASN B 3 13.11 -17.89 23.82
C ASN B 3 13.18 -17.48 22.35
N GLY B 4 12.05 -17.27 21.71
CA GLY B 4 12.07 -16.87 20.31
C GLY B 4 11.72 -15.39 20.20
N GLU B 5 12.03 -14.60 21.26
CA GLU B 5 11.69 -13.20 21.31
C GLU B 5 12.78 -12.41 20.66
N GLU B 6 13.72 -13.13 20.10
CA GLU B 6 14.84 -12.47 19.48
C GLU B 6 14.91 -12.60 17.99
N ALA B 7 13.94 -12.09 17.29
CA ALA B 7 14.05 -12.23 15.85
C ALA B 7 15.23 -11.35 15.33
N VAL B 8 16.14 -11.91 14.52
CA VAL B 8 17.18 -11.21 13.87
C VAL B 8 17.11 -11.45 12.31
N PRO B 9 16.46 -10.38 11.93
CA PRO B 9 15.77 -9.26 11.41
C PRO B 9 14.51 -9.16 12.18
N GLY B 10 14.48 -8.20 13.02
CA GLY B 10 13.22 -8.11 13.71
C GLY B 10 12.30 -7.25 12.84
N SER B 11 12.86 -6.39 12.04
CA SER B 11 12.07 -5.52 11.17
C SER B 11 12.56 -5.65 9.75
N TRP B 12 11.71 -5.31 8.77
CA TRP B 12 12.04 -5.37 7.40
C TRP B 12 11.07 -4.61 6.54
N PRO B 13 11.55 -4.04 5.47
CA PRO B 13 10.75 -3.37 4.47
C PRO B 13 9.76 -4.31 3.93
N TRP B 14 8.55 -3.83 3.74
CA TRP B 14 7.56 -4.72 3.23
C TRP B 14 7.36 -4.61 1.78
#